data_4TU8
#
_entry.id   4TU8
#
_cell.length_a   164.040
_cell.length_b   37.178
_cell.length_c   100.710
_cell.angle_alpha   90.000
_cell.angle_beta   125.660
_cell.angle_gamma   90.000
#
_symmetry.space_group_name_H-M   'C 1 2 1'
#
loop_
_entity.id
_entity.type
_entity.pdbx_description
1 polymer 'Splicing factor U2AF 65 kDa subunit'
2 polymer "DNA (5'-D(*UP*UP*UP*UP*(BRU)P*DA*U)-3')"
3 non-polymer '1,4-DIETHYLENE DIOXIDE'
4 non-polymer GLYCEROL
5 non-polymer 1,2-ETHANEDIOL
6 non-polymer 'SULFATE ION'
7 non-polymer N,N-BIS(3-D-GLUCONAMIDOPROPYL)DEOXYCHOLAMIDE
8 water water
#
loop_
_entity_poly.entity_id
_entity_poly.type
_entity_poly.pdbx_seq_one_letter_code
_entity_poly.pdbx_strand_id
1 'polypeptide(L)'
;GPLGSARRLYVGNIPFGITEEAMMDFFNAQMRLGGLTQAPGNPVLAVQINQDKNFAFLEFRSVDETTQAMAFDGIIFQGQ
SLKIRRPHDYQPLPGAHKLFIGGLPNYLNDDQVKELLTSFGPLKAFNLVKDSATGLSKGYAFCEYVDINVTDQAIAGLNG
MQLGDKKLLVQRAS
;
A,B
2 'polydeoxyribonucleotide' (DU)(DU)(DU)(DU)(BRU)(DA)(DU) P,E
#
loop_
_chem_comp.id
_chem_comp.type
_chem_comp.name
_chem_comp.formula
BRU DNA linking 5-BROMO-2'-DEOXYURIDINE-5'-MONOPHOSPHATE 'C9 H12 Br N2 O8 P'
CPQ non-polymer N,N-BIS(3-D-GLUCONAMIDOPROPYL)DEOXYCHOLAMIDE 'C42 H75 N3 O15'
DA DNA linking 2'-DEOXYADENOSINE-5'-MONOPHOSPHATE 'C10 H14 N5 O6 P'
DIO non-polymer '1,4-DIETHYLENE DIOXIDE' 'C4 H8 O2'
DU DNA linking 2'-DEOXYURIDINE-5'-MONOPHOSPHATE 'C9 H13 N2 O8 P'
EDO non-polymer 1,2-ETHANEDIOL 'C2 H6 O2'
GOL non-polymer GLYCEROL 'C3 H8 O3'
SO4 non-polymer 'SULFATE ION' 'O4 S -2'
#
# COMPACT_ATOMS: atom_id res chain seq x y z
N GLY A 1 20.18 -13.08 -9.48
CA GLY A 1 21.46 -13.51 -8.96
C GLY A 1 21.92 -12.65 -7.81
N PRO A 2 23.13 -12.94 -7.28
CA PRO A 2 23.67 -12.27 -6.10
C PRO A 2 23.71 -10.75 -6.19
N LEU A 3 23.86 -10.19 -7.39
CA LEU A 3 23.99 -8.74 -7.54
C LEU A 3 22.71 -8.09 -8.06
N GLY A 4 21.65 -8.88 -8.23
CA GLY A 4 20.41 -8.37 -8.78
C GLY A 4 19.62 -7.45 -7.84
N SER A 5 18.74 -6.62 -8.42
CA SER A 5 17.74 -5.81 -7.70
C SER A 5 18.32 -4.84 -6.69
N ALA A 6 19.50 -4.29 -6.97
CA ALA A 6 20.19 -3.48 -5.99
C ALA A 6 19.84 -2.00 -6.06
N ARG A 7 19.03 -1.61 -7.05
CA ARG A 7 18.64 -0.21 -7.19
C ARG A 7 17.12 -0.02 -7.19
N ARG A 8 16.40 -0.97 -6.58
CA ARG A 8 14.96 -0.87 -6.52
C ARG A 8 14.44 -1.08 -5.10
N LEU A 9 13.32 -0.44 -4.78
CA LEU A 9 12.65 -0.67 -3.50
C LEU A 9 11.17 -0.90 -3.70
N TYR A 10 10.61 -1.80 -2.89
CA TYR A 10 9.18 -2.00 -2.79
C TYR A 10 8.57 -0.93 -1.87
N VAL A 11 7.47 -0.33 -2.31
CA VAL A 11 6.74 0.63 -1.49
C VAL A 11 5.31 0.17 -1.37
N GLY A 12 4.89 -0.20 -0.15
CA GLY A 12 3.51 -0.60 0.08
C GLY A 12 2.70 0.48 0.79
N ASN A 13 1.38 0.30 0.80
CA ASN A 13 0.43 1.19 1.46
C ASN A 13 0.42 2.59 0.86
N ILE A 14 0.59 2.66 -0.45
CA ILE A 14 0.63 3.94 -1.11
C ILE A 14 -0.77 4.56 -1.08
N PRO A 15 -0.84 5.90 -1.15
CA PRO A 15 -2.16 6.53 -1.13
C PRO A 15 -2.97 6.19 -2.37
N PHE A 16 -4.24 5.87 -2.14
CA PHE A 16 -5.20 5.54 -3.18
C PHE A 16 -5.23 6.61 -4.27
N GLY A 17 -5.12 6.19 -5.52
CA GLY A 17 -5.21 7.11 -6.65
C GLY A 17 -3.97 7.92 -6.98
N ILE A 18 -2.89 7.74 -6.21
CA ILE A 18 -1.65 8.49 -6.44
C ILE A 18 -1.05 8.17 -7.80
N THR A 19 -0.40 9.15 -8.42
CA THR A 19 0.25 8.93 -9.70
C THR A 19 1.72 8.59 -9.54
N GLU A 20 2.33 8.08 -10.60
CA GLU A 20 3.74 7.71 -10.57
C GLU A 20 4.59 8.97 -10.45
N GLU A 21 4.17 10.04 -11.10
CA GLU A 21 4.90 11.30 -11.06
C GLU A 21 4.87 11.93 -9.66
N ALA A 22 3.71 11.86 -9.01
CA ALA A 22 3.56 12.42 -7.68
C ALA A 22 4.42 11.67 -6.68
N MET A 23 4.42 10.35 -6.79
CA MET A 23 5.22 9.51 -5.90
C MET A 23 6.69 9.80 -6.14
N MET A 24 7.06 9.93 -7.41
CA MET A 24 8.44 10.19 -7.77
C MET A 24 8.91 11.51 -7.19
N ASP A 25 8.11 12.56 -7.42
CA ASP A 25 8.38 13.90 -6.90
C ASP A 25 8.50 13.94 -5.38
N PHE A 26 7.67 13.14 -4.70
CA PHE A 26 7.65 13.13 -3.24
C PHE A 26 8.94 12.52 -2.70
N PHE A 27 9.34 11.38 -3.27
CA PHE A 27 10.56 10.72 -2.82
C PHE A 27 11.81 11.51 -3.18
N ASN A 28 11.86 12.08 -4.37
CA ASN A 28 12.99 12.93 -4.72
C ASN A 28 13.08 14.14 -3.80
N ALA A 29 11.95 14.74 -3.43
CA ALA A 29 11.96 15.85 -2.50
C ALA A 29 12.45 15.43 -1.11
N GLN A 30 11.96 14.29 -0.63
CA GLN A 30 12.35 13.78 0.68
C GLN A 30 13.83 13.39 0.72
N MET A 31 14.31 12.72 -0.32
CA MET A 31 15.74 12.44 -0.43
C MET A 31 16.58 13.72 -0.22
N ARG A 32 16.16 14.82 -0.83
CA ARG A 32 16.88 16.09 -0.70
C ARG A 32 16.71 16.75 0.67
N LEU A 33 15.46 16.87 1.14
CA LEU A 33 15.20 17.49 2.43
C LEU A 33 15.85 16.73 3.56
N GLY A 34 15.90 15.41 3.42
CA GLY A 34 16.41 14.54 4.47
C GLY A 34 17.91 14.37 4.45
N GLY A 35 18.55 14.96 3.44
CA GLY A 35 19.99 14.84 3.27
C GLY A 35 20.46 13.42 2.95
N LEU A 36 19.67 12.68 2.19
CA LEU A 36 20.06 11.33 1.80
C LEU A 36 20.67 11.24 0.40
N THR A 37 20.53 12.29 -0.39
N THR A 37 20.50 12.28 -0.39
CA THR A 37 21.06 12.31 -1.75
CA THR A 37 21.09 12.33 -1.73
C THR A 37 22.55 12.64 -1.77
C THR A 37 22.60 12.41 -1.59
N GLN A 38 23.31 11.91 -2.58
CA GLN A 38 24.77 11.96 -2.56
C GLN A 38 25.39 12.70 -3.74
N ALA A 39 24.56 13.36 -4.54
CA ALA A 39 25.06 14.14 -5.68
C ALA A 39 23.95 15.07 -6.16
N PRO A 40 24.29 16.12 -6.91
CA PRO A 40 23.25 16.96 -7.51
C PRO A 40 22.26 16.10 -8.31
N GLY A 41 20.98 16.47 -8.33
CA GLY A 41 20.03 15.77 -9.18
C GLY A 41 19.05 14.92 -8.40
N ASN A 42 18.25 14.15 -9.16
CA ASN A 42 17.20 13.33 -8.58
C ASN A 42 17.66 11.89 -8.45
N PRO A 43 17.61 11.33 -7.23
CA PRO A 43 17.99 9.92 -7.04
C PRO A 43 16.96 8.92 -7.59
N VAL A 44 15.68 9.29 -7.59
CA VAL A 44 14.65 8.39 -8.10
C VAL A 44 14.42 8.65 -9.58
N LEU A 45 14.66 7.63 -10.40
CA LEU A 45 14.58 7.72 -11.87
C LEU A 45 13.20 7.38 -12.40
N ALA A 46 12.49 6.52 -11.70
CA ALA A 46 11.20 6.02 -12.16
C ALA A 46 10.43 5.34 -11.03
N VAL A 47 9.12 5.33 -11.18
CA VAL A 47 8.22 4.66 -10.26
C VAL A 47 7.22 3.86 -11.08
N GLN A 48 7.06 2.59 -10.73
CA GLN A 48 6.09 1.76 -11.40
C GLN A 48 5.01 1.35 -10.41
N ILE A 49 3.77 1.78 -10.64
CA ILE A 49 2.70 1.51 -9.70
C ILE A 49 1.80 0.35 -10.15
N ASN A 50 1.51 -0.55 -9.22
CA ASN A 50 0.44 -1.52 -9.38
C ASN A 50 -0.80 -1.02 -8.64
N GLN A 51 -1.73 -0.44 -9.38
CA GLN A 51 -2.87 0.20 -8.73
C GLN A 51 -3.80 -0.79 -8.05
N ASP A 52 -3.99 -1.95 -8.67
CA ASP A 52 -4.86 -2.99 -8.14
C ASP A 52 -4.46 -3.52 -6.76
N LYS A 53 -3.16 -3.74 -6.57
CA LYS A 53 -2.63 -4.32 -5.34
C LYS A 53 -1.98 -3.26 -4.45
N ASN A 54 -2.15 -2.00 -4.85
CA ASN A 54 -1.70 -0.85 -4.08
C ASN A 54 -0.23 -0.86 -3.64
N PHE A 55 0.67 -1.13 -4.58
CA PHE A 55 2.10 -1.04 -4.27
C PHE A 55 2.86 -0.44 -5.43
N ALA A 56 4.07 0.01 -5.15
CA ALA A 56 4.94 0.56 -6.18
C ALA A 56 6.36 0.02 -6.05
N PHE A 57 7.09 0.06 -7.15
CA PHE A 57 8.54 -0.11 -7.10
C PHE A 57 9.21 1.19 -7.52
N LEU A 58 10.18 1.61 -6.74
CA LEU A 58 10.99 2.77 -7.06
C LEU A 58 12.28 2.28 -7.69
N GLU A 59 12.73 2.90 -8.78
CA GLU A 59 14.07 2.64 -9.30
C GLU A 59 14.98 3.83 -9.03
N PHE A 60 16.14 3.57 -8.42
CA PHE A 60 17.11 4.61 -8.11
C PHE A 60 18.28 4.64 -9.10
N ARG A 61 18.95 5.78 -9.18
CA ARG A 61 20.09 5.95 -10.07
C ARG A 61 21.36 5.30 -9.52
N SER A 62 21.37 4.98 -8.23
CA SER A 62 22.58 4.43 -7.62
C SER A 62 22.27 3.42 -6.55
N VAL A 63 23.21 2.53 -6.34
CA VAL A 63 23.07 1.51 -5.30
C VAL A 63 23.03 2.08 -3.88
N ASP A 64 23.92 3.02 -3.56
CA ASP A 64 24.00 3.51 -2.20
C ASP A 64 22.81 4.42 -1.84
N GLU A 65 22.27 5.18 -2.80
CA GLU A 65 21.06 5.97 -2.51
C GLU A 65 19.81 5.09 -2.31
N THR A 66 19.74 3.94 -2.99
CA THR A 66 18.70 2.96 -2.71
C THR A 66 18.74 2.51 -1.23
N THR A 67 19.95 2.22 -0.78
CA THR A 67 20.14 1.80 0.60
C THR A 67 19.71 2.86 1.61
N GLN A 68 20.14 4.10 1.38
CA GLN A 68 19.73 5.24 2.21
C GLN A 68 18.21 5.38 2.32
N ALA A 69 17.50 5.18 1.21
CA ALA A 69 16.05 5.40 1.19
C ALA A 69 15.28 4.39 2.04
N MET A 70 15.94 3.32 2.44
CA MET A 70 15.33 2.36 3.38
C MET A 70 14.91 3.04 4.69
N ALA A 71 15.61 4.12 5.03
CA ALA A 71 15.34 4.89 6.23
C ALA A 71 13.98 5.62 6.21
N PHE A 72 13.34 5.68 5.04
CA PHE A 72 12.03 6.30 4.93
C PHE A 72 10.90 5.36 5.34
N ASP A 73 11.22 4.15 5.77
CA ASP A 73 10.16 3.22 6.15
C ASP A 73 9.22 3.88 7.16
N GLY A 74 7.93 3.79 6.87
CA GLY A 74 6.91 4.35 7.74
C GLY A 74 6.61 5.82 7.52
N ILE A 75 7.32 6.48 6.61
CA ILE A 75 7.06 7.89 6.37
C ILE A 75 5.60 8.11 5.94
N ILE A 76 5.01 9.21 6.39
CA ILE A 76 3.60 9.45 6.08
C ILE A 76 3.49 10.24 4.79
N PHE A 77 2.70 9.71 3.86
CA PHE A 77 2.47 10.32 2.56
C PHE A 77 0.97 10.39 2.28
N GLN A 78 0.42 11.61 2.19
CA GLN A 78 -1.03 11.82 2.08
C GLN A 78 -1.80 10.94 3.06
N GLY A 79 -1.43 10.99 4.32
CA GLY A 79 -2.13 10.27 5.37
C GLY A 79 -1.75 8.81 5.53
N GLN A 80 -0.97 8.28 4.61
CA GLN A 80 -0.63 6.85 4.63
C GLN A 80 0.82 6.61 5.06
N SER A 81 1.01 5.76 6.06
CA SER A 81 2.34 5.35 6.48
C SER A 81 2.91 4.35 5.47
N LEU A 82 3.94 4.76 4.74
CA LEU A 82 4.47 3.93 3.66
C LEU A 82 5.29 2.75 4.17
N LYS A 83 5.11 1.60 3.54
CA LYS A 83 5.94 0.42 3.87
C LYS A 83 7.08 0.26 2.88
N ILE A 84 8.32 0.46 3.34
CA ILE A 84 9.47 0.44 2.43
C ILE A 84 10.29 -0.81 2.67
N ARG A 85 10.51 -1.60 1.62
CA ARG A 85 11.24 -2.86 1.74
C ARG A 85 12.17 -3.12 0.55
N ARG A 86 13.16 -4.00 0.76
CA ARG A 86 13.96 -4.51 -0.35
C ARG A 86 13.09 -5.37 -1.24
N PRO A 87 13.43 -5.47 -2.54
CA PRO A 87 12.76 -6.47 -3.38
C PRO A 87 13.02 -7.87 -2.83
N HIS A 88 12.08 -8.79 -3.05
CA HIS A 88 12.23 -10.13 -2.50
C HIS A 88 13.42 -10.88 -3.11
N ASP A 89 13.79 -10.57 -4.35
CA ASP A 89 14.97 -11.25 -4.93
C ASP A 89 16.26 -10.46 -4.75
N TYR A 90 16.24 -9.50 -3.83
CA TYR A 90 17.47 -8.87 -3.35
C TYR A 90 17.97 -9.68 -2.17
N GLN A 91 19.27 -9.94 -2.14
CA GLN A 91 19.88 -10.61 -1.01
C GLN A 91 21.25 -10.03 -0.73
N PRO A 92 21.55 -9.77 0.54
CA PRO A 92 22.93 -9.40 0.91
C PRO A 92 23.87 -10.56 0.62
N LEU A 93 25.17 -10.31 0.58
CA LEU A 93 26.11 -11.38 0.27
C LEU A 93 26.17 -12.37 1.43
N PRO A 94 26.54 -13.63 1.14
CA PRO A 94 26.62 -14.65 2.19
C PRO A 94 27.50 -14.22 3.35
N GLY A 95 27.06 -14.49 4.57
CA GLY A 95 27.84 -14.17 5.75
C GLY A 95 27.77 -12.71 6.22
N ALA A 96 27.14 -11.86 5.43
CA ALA A 96 27.07 -10.43 5.75
C ALA A 96 26.56 -10.14 7.17
N HIS A 97 25.64 -10.98 7.67
CA HIS A 97 25.07 -10.79 9.00
C HIS A 97 25.14 -12.06 9.87
N LYS A 98 26.29 -12.73 9.80
CA LYS A 98 26.54 -13.92 10.59
C LYS A 98 26.60 -13.55 12.06
N LEU A 99 25.94 -14.35 12.90
CA LEU A 99 25.98 -14.16 14.34
C LEU A 99 26.87 -15.17 15.05
N PHE A 100 27.55 -14.72 16.10
CA PHE A 100 28.20 -15.61 17.06
C PHE A 100 27.29 -15.76 18.30
N ILE A 101 27.02 -17.00 18.69
CA ILE A 101 26.32 -17.28 19.96
C ILE A 101 27.23 -18.05 20.90
N GLY A 102 27.59 -17.42 22.03
CA GLY A 102 28.47 -18.05 22.99
C GLY A 102 27.84 -18.18 24.38
N GLY A 103 28.30 -19.17 25.13
CA GLY A 103 27.80 -19.43 26.47
C GLY A 103 26.69 -20.47 26.57
N LEU A 104 26.62 -21.37 25.60
CA LEU A 104 25.58 -22.40 25.61
C LEU A 104 25.96 -23.61 26.48
N PRO A 105 24.97 -24.21 27.14
CA PRO A 105 25.20 -25.48 27.84
C PRO A 105 25.74 -26.55 26.88
N ASN A 106 26.84 -27.19 27.23
CA ASN A 106 27.48 -28.17 26.35
C ASN A 106 26.64 -29.42 26.06
N TYR A 107 25.61 -29.68 26.84
CA TYR A 107 24.84 -30.91 26.67
C TYR A 107 23.68 -30.75 25.70
N LEU A 108 23.41 -29.51 25.26
CA LEU A 108 22.35 -29.29 24.28
C LEU A 108 22.80 -29.58 22.84
N ASN A 109 21.95 -30.26 22.08
CA ASN A 109 22.27 -30.58 20.68
C ASN A 109 21.86 -29.48 19.70
N ASP A 110 22.14 -29.73 18.41
CA ASP A 110 21.86 -28.76 17.35
C ASP A 110 20.41 -28.26 17.37
N ASP A 111 19.47 -29.19 17.34
CA ASP A 111 18.06 -28.82 17.27
C ASP A 111 17.59 -28.02 18.48
N GLN A 112 18.10 -28.39 19.65
CA GLN A 112 17.77 -27.71 20.89
C GLN A 112 18.29 -26.28 20.91
N VAL A 113 19.51 -26.08 20.40
CA VAL A 113 20.08 -24.73 20.34
C VAL A 113 19.34 -23.90 19.29
N LYS A 114 18.96 -24.55 18.19
CA LYS A 114 18.31 -23.85 17.10
C LYS A 114 16.92 -23.37 17.49
N GLU A 115 16.30 -24.07 18.45
CA GLU A 115 14.94 -23.74 18.87
C GLU A 115 14.93 -22.34 19.46
N LEU A 116 15.96 -22.00 20.24
CA LEU A 116 16.06 -20.66 20.80
C LEU A 116 16.17 -19.58 19.73
N LEU A 117 16.88 -19.89 18.65
CA LEU A 117 17.18 -18.90 17.61
C LEU A 117 16.03 -18.71 16.64
N THR A 118 15.39 -19.81 16.26
CA THR A 118 14.31 -19.71 15.28
C THR A 118 13.03 -19.10 15.86
N SER A 119 12.99 -18.85 17.16
CA SER A 119 11.87 -18.12 17.73
C SER A 119 11.81 -16.68 17.19
N PHE A 120 12.92 -16.19 16.65
CA PHE A 120 12.93 -14.84 16.11
C PHE A 120 12.62 -14.80 14.60
N GLY A 121 12.75 -15.94 13.94
CA GLY A 121 12.61 -16.00 12.49
C GLY A 121 13.38 -17.19 11.92
N PRO A 122 13.09 -17.56 10.66
CA PRO A 122 13.77 -18.67 10.00
C PRO A 122 15.27 -18.39 9.80
N LEU A 123 16.06 -19.45 9.77
CA LEU A 123 17.52 -19.35 9.62
C LEU A 123 17.95 -19.85 8.25
N LYS A 124 18.85 -19.14 7.60
CA LYS A 124 19.41 -19.67 6.36
C LYS A 124 20.76 -20.35 6.57
N ALA A 125 21.36 -20.19 7.74
CA ALA A 125 22.59 -20.89 8.08
C ALA A 125 22.67 -21.13 9.58
N PHE A 126 23.25 -22.26 9.99
CA PHE A 126 23.47 -22.57 11.40
C PHE A 126 24.51 -23.66 11.55
N ASN A 127 25.44 -23.49 12.50
CA ASN A 127 26.25 -24.61 12.90
C ASN A 127 26.67 -24.48 14.36
N LEU A 128 26.47 -25.56 15.09
CA LEU A 128 26.93 -25.69 16.47
C LEU A 128 28.31 -26.35 16.44
N VAL A 129 29.30 -25.68 17.04
CA VAL A 129 30.65 -26.18 16.94
C VAL A 129 30.86 -27.32 17.93
N LYS A 130 31.38 -28.43 17.42
CA LYS A 130 31.56 -29.64 18.19
C LYS A 130 32.98 -30.15 18.07
N ASP A 131 33.45 -30.84 19.09
CA ASP A 131 34.74 -31.51 19.04
C ASP A 131 34.65 -32.68 18.08
N SER A 132 35.49 -32.67 17.05
CA SER A 132 35.37 -33.64 15.94
C SER A 132 35.53 -35.11 16.36
N ALA A 133 36.42 -35.37 17.30
CA ALA A 133 36.65 -36.73 17.76
C ALA A 133 35.45 -37.25 18.57
N THR A 134 35.08 -36.52 19.61
CA THR A 134 34.02 -36.97 20.51
C THR A 134 32.62 -36.63 20.01
N GLY A 135 32.51 -35.62 19.15
CA GLY A 135 31.20 -35.17 18.69
C GLY A 135 30.47 -34.28 19.68
N LEU A 136 31.17 -33.85 20.73
CA LEU A 136 30.53 -33.08 21.80
C LEU A 136 30.59 -31.57 21.56
N SER A 137 29.52 -30.87 21.96
CA SER A 137 29.38 -29.42 21.77
C SER A 137 30.42 -28.63 22.54
N LYS A 138 30.99 -27.60 21.89
CA LYS A 138 31.96 -26.71 22.54
C LYS A 138 31.27 -25.49 23.13
N GLY A 139 29.94 -25.47 23.04
CA GLY A 139 29.17 -24.43 23.70
C GLY A 139 29.06 -23.12 22.96
N TYR A 140 29.41 -23.11 21.67
CA TYR A 140 29.14 -21.93 20.86
C TYR A 140 28.73 -22.32 19.44
N ALA A 141 28.07 -21.37 18.77
CA ALA A 141 27.45 -21.63 17.49
C ALA A 141 27.47 -20.38 16.63
N PHE A 142 27.18 -20.56 15.35
CA PHE A 142 27.01 -19.44 14.41
C PHE A 142 25.68 -19.60 13.69
N CYS A 143 25.08 -18.48 13.30
CA CYS A 143 23.87 -18.57 12.51
C CYS A 143 23.69 -17.33 11.66
N GLU A 144 22.78 -17.43 10.70
CA GLU A 144 22.35 -16.31 9.87
C GLU A 144 20.85 -16.43 9.64
N TYR A 145 20.13 -15.35 9.86
CA TYR A 145 18.69 -15.34 9.61
C TYR A 145 18.40 -15.13 8.11
N VAL A 146 17.34 -15.77 7.62
CA VAL A 146 16.84 -15.52 6.26
C VAL A 146 16.60 -14.04 6.08
N ASP A 147 15.74 -13.51 6.92
CA ASP A 147 15.50 -12.09 6.94
C ASP A 147 16.57 -11.42 7.80
N ILE A 148 17.39 -10.59 7.16
CA ILE A 148 18.53 -9.99 7.85
C ILE A 148 18.11 -8.95 8.90
N ASN A 149 16.91 -8.42 8.79
CA ASN A 149 16.45 -7.42 9.75
C ASN A 149 16.15 -8.03 11.13
N VAL A 150 15.96 -9.34 11.13
CA VAL A 150 15.77 -10.12 12.34
C VAL A 150 17.04 -10.16 13.21
N THR A 151 18.19 -10.00 12.57
CA THR A 151 19.49 -10.06 13.25
C THR A 151 19.58 -9.18 14.50
N ASP A 152 19.22 -7.90 14.37
CA ASP A 152 19.29 -6.99 15.50
C ASP A 152 18.28 -7.38 16.59
N GLN A 153 17.17 -7.98 16.19
CA GLN A 153 16.16 -8.41 17.17
C GLN A 153 16.65 -9.58 18.02
N ALA A 154 17.30 -10.56 17.38
CA ALA A 154 17.86 -11.70 18.09
C ALA A 154 18.93 -11.25 19.08
N ILE A 155 19.82 -10.39 18.60
CA ILE A 155 20.84 -9.82 19.46
C ILE A 155 20.21 -9.13 20.67
N ALA A 156 19.25 -8.21 20.43
CA ALA A 156 18.57 -7.48 21.51
C ALA A 156 17.82 -8.40 22.46
N GLY A 157 17.28 -9.49 21.92
CA GLY A 157 16.47 -10.40 22.72
C GLY A 157 17.25 -11.45 23.47
N LEU A 158 18.45 -11.78 22.98
CA LEU A 158 19.20 -12.89 23.53
C LEU A 158 20.50 -12.50 24.23
N ASN A 159 21.13 -11.43 23.77
CA ASN A 159 22.42 -11.03 24.32
C ASN A 159 22.33 -10.68 25.80
N GLY A 160 23.27 -11.22 26.57
CA GLY A 160 23.33 -10.94 27.99
C GLY A 160 22.27 -11.66 28.80
N MET A 161 21.48 -12.50 28.14
CA MET A 161 20.42 -13.24 28.82
C MET A 161 21.00 -14.28 29.76
N GLN A 162 20.31 -14.51 30.86
CA GLN A 162 20.68 -15.57 31.76
C GLN A 162 20.28 -16.89 31.12
N LEU A 163 21.16 -17.87 31.19
CA LEU A 163 20.85 -19.20 30.67
C LEU A 163 21.64 -20.19 31.51
N GLY A 164 20.95 -20.87 32.43
CA GLY A 164 21.62 -21.71 33.41
C GLY A 164 22.55 -20.88 34.27
N ASP A 165 23.78 -21.34 34.44
CA ASP A 165 24.76 -20.61 35.21
C ASP A 165 25.61 -19.68 34.33
N LYS A 166 25.15 -19.46 33.10
CA LYS A 166 25.88 -18.64 32.13
C LYS A 166 25.11 -17.40 31.70
N LYS A 167 25.85 -16.41 31.20
CA LYS A 167 25.27 -15.25 30.55
C LYS A 167 25.54 -15.38 29.06
N LEU A 168 24.48 -15.41 28.28
CA LEU A 168 24.64 -15.70 26.86
C LEU A 168 25.24 -14.50 26.12
N LEU A 169 26.16 -14.77 25.19
CA LEU A 169 26.68 -13.74 24.29
C LEU A 169 26.15 -13.93 22.88
N VAL A 170 25.52 -12.92 22.33
CA VAL A 170 25.06 -12.97 20.95
C VAL A 170 25.48 -11.68 20.31
N GLN A 171 26.32 -11.77 19.28
CA GLN A 171 26.84 -10.58 18.62
C GLN A 171 27.15 -10.88 17.18
N ARG A 172 27.33 -9.86 16.36
CA ARG A 172 27.73 -10.13 14.98
C ARG A 172 29.12 -10.76 15.00
N ALA A 173 29.30 -11.79 14.17
CA ALA A 173 30.54 -12.59 14.17
C ALA A 173 31.75 -11.82 13.62
N SER A 174 31.50 -10.77 12.85
CA SER A 174 32.58 -9.89 12.39
C SER A 174 32.18 -8.43 12.58
N GLY B 1 -14.89 4.34 -10.15
CA GLY B 1 -15.71 3.91 -9.02
C GLY B 1 -15.57 4.82 -7.82
N PRO B 2 -14.50 4.63 -7.03
CA PRO B 2 -14.23 5.54 -5.92
C PRO B 2 -13.95 6.93 -6.48
N LEU B 3 -13.01 6.99 -7.42
CA LEU B 3 -12.66 8.23 -8.10
C LEU B 3 -13.70 8.61 -9.17
N GLY B 4 -14.63 7.73 -9.47
CA GLY B 4 -15.66 8.02 -10.45
C GLY B 4 -16.51 9.23 -10.03
N SER B 5 -16.83 9.27 -8.74
N SER B 5 -16.83 9.27 -8.74
CA SER B 5 -17.59 10.37 -8.19
CA SER B 5 -17.60 10.38 -8.19
C SER B 5 -16.67 11.54 -7.82
C SER B 5 -16.67 11.54 -7.84
N ALA B 6 -15.37 11.35 -8.07
CA ALA B 6 -14.40 12.41 -7.87
C ALA B 6 -14.26 13.22 -9.16
N ARG B 7 -14.99 12.80 -10.19
CA ARG B 7 -14.97 13.48 -11.47
C ARG B 7 -16.38 13.92 -11.89
N ARG B 8 -17.28 14.02 -10.93
CA ARG B 8 -18.64 14.49 -11.19
C ARG B 8 -19.04 15.62 -10.26
N LEU B 9 -19.95 16.47 -10.74
CA LEU B 9 -20.55 17.52 -9.93
C LEU B 9 -22.04 17.62 -10.17
N TYR B 10 -22.75 17.95 -9.10
CA TYR B 10 -24.17 18.24 -9.15
C TYR B 10 -24.38 19.71 -9.53
N VAL B 11 -25.31 19.97 -10.44
CA VAL B 11 -25.72 21.33 -10.82
C VAL B 11 -27.22 21.51 -10.60
N GLY B 12 -27.60 22.49 -9.79
CA GLY B 12 -29.02 22.71 -9.53
C GLY B 12 -29.48 24.05 -10.07
N ASN B 13 -30.79 24.26 -10.08
CA ASN B 13 -31.40 25.51 -10.51
C ASN B 13 -31.18 25.77 -12.00
N ILE B 14 -31.20 24.71 -12.78
CA ILE B 14 -30.99 24.87 -14.20
C ILE B 14 -32.28 25.44 -14.81
N PRO B 15 -32.16 26.40 -15.74
CA PRO B 15 -33.38 26.98 -16.32
C PRO B 15 -34.15 25.99 -17.18
N PHE B 16 -35.45 26.21 -17.34
CA PHE B 16 -36.31 25.39 -18.18
C PHE B 16 -35.78 25.29 -19.61
N GLY B 17 -35.87 24.10 -20.18
CA GLY B 17 -35.63 23.91 -21.60
C GLY B 17 -34.17 23.82 -22.03
N ILE B 18 -33.24 23.87 -21.07
CA ILE B 18 -31.81 23.81 -21.39
C ILE B 18 -31.43 22.43 -21.90
N THR B 19 -30.57 22.38 -22.90
CA THR B 19 -30.09 21.11 -23.45
C THR B 19 -28.76 20.70 -22.83
N GLU B 20 -28.47 19.42 -22.93
CA GLU B 20 -27.22 18.90 -22.40
C GLU B 20 -26.02 19.48 -23.16
N GLU B 21 -26.16 19.68 -24.46
CA GLU B 21 -25.03 20.23 -25.22
C GLU B 21 -24.80 21.69 -24.86
N ALA B 22 -25.86 22.45 -24.61
CA ALA B 22 -25.70 23.86 -24.27
C ALA B 22 -25.00 23.99 -22.90
N MET B 23 -25.36 23.10 -21.99
CA MET B 23 -24.75 23.14 -20.65
C MET B 23 -23.26 22.76 -20.74
N MET B 24 -22.97 21.78 -21.57
CA MET B 24 -21.60 21.31 -21.70
C MET B 24 -20.74 22.40 -22.33
N ASP B 25 -21.29 23.06 -23.35
CA ASP B 25 -20.60 24.20 -23.99
C ASP B 25 -20.34 25.30 -22.96
N PHE B 26 -21.36 25.60 -22.14
CA PHE B 26 -21.24 26.67 -21.14
C PHE B 26 -20.12 26.39 -20.14
N PHE B 27 -20.10 25.19 -19.57
CA PHE B 27 -19.06 24.90 -18.58
C PHE B 27 -17.66 24.76 -19.19
N ASN B 28 -17.55 24.22 -20.40
CA ASN B 28 -16.24 24.18 -21.04
C ASN B 28 -15.72 25.61 -21.29
N ALA B 29 -16.61 26.50 -21.73
CA ALA B 29 -16.25 27.89 -21.96
C ALA B 29 -15.83 28.59 -20.66
N GLN B 30 -16.57 28.35 -19.59
CA GLN B 30 -16.21 28.89 -18.29
C GLN B 30 -14.85 28.37 -17.81
N MET B 31 -14.60 27.08 -18.01
CA MET B 31 -13.32 26.51 -17.56
C MET B 31 -12.15 27.15 -18.29
N ARG B 32 -12.31 27.33 -19.60
CA ARG B 32 -11.28 27.94 -20.42
C ARG B 32 -11.12 29.41 -20.06
N LEU B 33 -12.24 30.10 -19.86
CA LEU B 33 -12.21 31.52 -19.53
C LEU B 33 -11.49 31.76 -18.20
N GLY B 34 -11.72 30.87 -17.24
CA GLY B 34 -11.17 31.04 -15.90
C GLY B 34 -9.71 30.64 -15.82
N GLY B 35 -9.20 30.05 -16.89
CA GLY B 35 -7.85 29.50 -16.88
C GLY B 35 -7.76 28.32 -15.93
N LEU B 36 -8.83 27.55 -15.86
CA LEU B 36 -8.92 26.47 -14.88
C LEU B 36 -8.61 25.09 -15.47
N THR B 37 -8.34 25.03 -16.78
CA THR B 37 -7.99 23.75 -17.43
C THR B 37 -6.51 23.44 -17.26
N GLN B 38 -6.18 22.16 -17.12
CA GLN B 38 -4.79 21.75 -16.95
C GLN B 38 -4.21 21.11 -18.22
N ALA B 39 -4.96 21.16 -19.30
CA ALA B 39 -4.55 20.63 -20.58
C ALA B 39 -5.35 21.30 -21.67
N PRO B 40 -4.88 21.24 -22.93
CA PRO B 40 -5.75 21.67 -24.03
C PRO B 40 -7.01 20.81 -24.08
N GLY B 41 -8.05 21.30 -24.72
CA GLY B 41 -9.25 20.52 -24.89
C GLY B 41 -10.35 20.83 -23.89
N ASN B 42 -11.38 20.00 -23.87
CA ASN B 42 -12.57 20.22 -23.05
C ASN B 42 -12.57 19.42 -21.77
N PRO B 43 -12.66 20.10 -20.61
CA PRO B 43 -12.70 19.34 -19.36
C PRO B 43 -14.01 18.59 -19.12
N VAL B 44 -15.13 19.06 -19.67
CA VAL B 44 -16.42 18.41 -19.43
C VAL B 44 -16.69 17.41 -20.55
N LEU B 45 -16.81 16.15 -20.17
CA LEU B 45 -16.99 15.04 -21.10
C LEU B 45 -18.45 14.82 -21.45
N ALA B 46 -19.31 14.99 -20.46
CA ALA B 46 -20.73 14.68 -20.61
C ALA B 46 -21.57 15.39 -19.55
N VAL B 47 -22.83 15.64 -19.91
CA VAL B 47 -23.84 16.22 -19.03
C VAL B 47 -25.10 15.36 -19.08
N GLN B 48 -25.65 15.02 -17.91
CA GLN B 48 -26.95 14.35 -17.83
C GLN B 48 -27.96 15.23 -17.11
N ILE B 49 -29.04 15.60 -17.79
CA ILE B 49 -30.04 16.52 -17.23
C ILE B 49 -31.33 15.80 -16.84
N ASN B 50 -31.86 16.11 -15.66
CA ASN B 50 -33.20 15.69 -15.26
C ASN B 50 -34.10 16.91 -15.41
N GLN B 51 -34.89 16.97 -16.47
CA GLN B 51 -35.70 18.16 -16.74
C GLN B 51 -36.77 18.34 -15.67
N ASP B 52 -37.30 17.22 -15.19
CA ASP B 52 -38.40 17.24 -14.22
C ASP B 52 -38.00 17.86 -12.88
N LYS B 53 -36.78 17.58 -12.42
CA LYS B 53 -36.36 18.04 -11.11
C LYS B 53 -35.31 19.13 -11.20
N ASN B 54 -35.10 19.62 -12.43
N ASN B 54 -35.06 19.62 -12.42
CA ASN B 54 -34.27 20.78 -12.71
CA ASN B 54 -34.30 20.85 -12.57
C ASN B 54 -32.86 20.68 -12.13
C ASN B 54 -32.83 20.70 -12.10
N PHE B 55 -32.21 19.56 -12.41
CA PHE B 55 -30.81 19.41 -12.04
C PHE B 55 -30.03 18.62 -13.10
N ALA B 56 -28.71 18.67 -12.98
CA ALA B 56 -27.84 17.95 -13.90
C ALA B 56 -26.63 17.41 -13.17
N PHE B 57 -26.02 16.37 -13.75
CA PHE B 57 -24.67 15.99 -13.37
C PHE B 57 -23.68 16.28 -14.51
N LEU B 58 -22.52 16.81 -14.15
CA LEU B 58 -21.45 17.01 -15.10
C LEU B 58 -20.45 15.90 -14.88
N GLU B 59 -19.86 15.40 -15.96
CA GLU B 59 -18.74 14.47 -15.83
C GLU B 59 -17.50 15.10 -16.43
N PHE B 60 -16.43 15.13 -15.67
CA PHE B 60 -15.18 15.74 -16.08
C PHE B 60 -14.13 14.69 -16.44
N ARG B 61 -13.14 15.10 -17.25
CA ARG B 61 -12.05 14.21 -17.65
C ARG B 61 -11.00 14.03 -16.56
N SER B 62 -11.04 14.86 -15.53
CA SER B 62 -9.99 14.78 -14.52
C SER B 62 -10.46 15.21 -13.13
N VAL B 63 -9.81 14.66 -12.11
CA VAL B 63 -10.16 14.95 -10.71
C VAL B 63 -9.86 16.42 -10.34
N ASP B 64 -8.67 16.88 -10.70
CA ASP B 64 -8.28 18.26 -10.39
C ASP B 64 -9.22 19.29 -11.02
N GLU B 65 -9.63 19.06 -12.25
CA GLU B 65 -10.45 20.04 -12.95
C GLU B 65 -11.87 20.07 -12.39
N THR B 66 -12.33 18.92 -11.91
CA THR B 66 -13.61 18.81 -11.21
C THR B 66 -13.56 19.66 -9.95
N THR B 67 -12.48 19.54 -9.21
CA THR B 67 -12.30 20.35 -8.00
C THR B 67 -12.26 21.84 -8.35
N GLN B 68 -11.57 22.21 -9.43
CA GLN B 68 -11.54 23.62 -9.85
C GLN B 68 -12.93 24.18 -10.13
N ALA B 69 -13.78 23.35 -10.73
CA ALA B 69 -15.13 23.75 -11.13
C ALA B 69 -16.05 24.01 -9.93
N MET B 70 -15.68 23.51 -8.76
CA MET B 70 -16.44 23.87 -7.55
C MET B 70 -16.53 25.39 -7.39
N ALA B 71 -15.52 26.11 -7.89
CA ALA B 71 -15.51 27.57 -7.86
C ALA B 71 -16.71 28.20 -8.59
N PHE B 72 -17.38 27.44 -9.44
CA PHE B 72 -18.50 27.98 -10.21
C PHE B 72 -19.82 28.05 -9.45
N ASP B 73 -19.85 27.69 -8.17
CA ASP B 73 -21.09 27.83 -7.41
C ASP B 73 -21.60 29.27 -7.52
N GLY B 74 -22.89 29.43 -7.82
CA GLY B 74 -23.49 30.75 -8.02
C GLY B 74 -23.33 31.35 -9.41
N ILE B 75 -22.63 30.65 -10.30
CA ILE B 75 -22.39 31.19 -11.65
C ILE B 75 -23.69 31.44 -12.40
N ILE B 76 -23.71 32.48 -13.22
CA ILE B 76 -24.92 32.88 -13.94
C ILE B 76 -25.04 32.17 -15.28
N PHE B 77 -26.15 31.47 -15.46
CA PHE B 77 -26.42 30.79 -16.72
C PHE B 77 -27.83 31.18 -17.13
N GLN B 78 -27.95 31.77 -18.32
CA GLN B 78 -29.22 32.27 -18.82
C GLN B 78 -29.98 33.05 -17.75
N GLY B 79 -29.29 33.96 -17.09
CA GLY B 79 -29.92 34.80 -16.09
C GLY B 79 -30.06 34.17 -14.72
N GLN B 80 -29.87 32.86 -14.60
CA GLN B 80 -30.12 32.18 -13.32
C GLN B 80 -28.82 31.76 -12.62
N SER B 81 -28.82 31.79 -11.29
CA SER B 81 -27.63 31.42 -10.55
C SER B 81 -27.61 29.91 -10.27
N LEU B 82 -26.56 29.24 -10.77
CA LEU B 82 -26.48 27.80 -10.66
C LEU B 82 -25.92 27.34 -9.31
N LYS B 83 -26.48 26.26 -8.78
CA LYS B 83 -26.00 25.66 -7.56
C LYS B 83 -25.06 24.52 -7.90
N ILE B 84 -23.83 24.58 -7.40
CA ILE B 84 -22.82 23.57 -7.70
C ILE B 84 -22.40 22.85 -6.43
N ARG B 85 -22.51 21.52 -6.42
CA ARG B 85 -22.11 20.73 -5.26
C ARG B 85 -21.39 19.43 -5.65
N ARG B 86 -20.65 18.89 -4.69
CA ARG B 86 -20.16 17.52 -4.81
C ARG B 86 -21.33 16.55 -4.89
N PRO B 87 -21.12 15.42 -5.56
CA PRO B 87 -22.09 14.32 -5.47
C PRO B 87 -22.17 13.86 -4.01
N HIS B 88 -23.32 13.34 -3.61
CA HIS B 88 -23.48 12.89 -2.22
C HIS B 88 -22.53 11.72 -1.90
N ASP B 89 -22.21 10.91 -2.89
CA ASP B 89 -21.30 9.78 -2.67
C ASP B 89 -19.84 10.13 -2.96
N TYR B 90 -19.51 11.42 -3.00
CA TYR B 90 -18.13 11.86 -3.15
C TYR B 90 -17.32 11.48 -1.92
N GLN B 91 -16.11 10.97 -2.14
CA GLN B 91 -15.23 10.60 -1.03
C GLN B 91 -14.07 11.58 -0.92
N PRO B 92 -14.11 12.44 0.12
CA PRO B 92 -13.05 13.42 0.37
C PRO B 92 -11.71 12.73 0.64
N LEU B 93 -11.75 11.64 1.40
CA LEU B 93 -10.56 10.81 1.59
C LEU B 93 -10.70 9.49 0.84
N PRO B 94 -10.08 9.39 -0.35
CA PRO B 94 -10.24 8.17 -1.16
C PRO B 94 -9.67 6.95 -0.44
N GLY B 95 -10.32 5.80 -0.64
CA GLY B 95 -9.89 4.56 -0.02
C GLY B 95 -10.28 4.39 1.43
N ALA B 96 -11.00 5.36 1.99
CA ALA B 96 -11.42 5.34 3.39
C ALA B 96 -12.29 4.12 3.71
N HIS B 97 -12.94 3.56 2.69
CA HIS B 97 -13.87 2.47 2.91
C HIS B 97 -13.41 1.16 2.28
N LYS B 98 -12.16 1.15 1.83
CA LYS B 98 -11.53 -0.10 1.40
C LYS B 98 -11.43 -1.04 2.60
N LEU B 99 -11.79 -2.30 2.40
CA LEU B 99 -11.77 -3.31 3.44
C LEU B 99 -10.59 -4.25 3.25
N PHE B 100 -10.06 -4.73 4.36
CA PHE B 100 -9.14 -5.84 4.41
C PHE B 100 -9.89 -7.07 4.92
N ILE B 101 -9.74 -8.20 4.22
CA ILE B 101 -10.37 -9.44 4.65
C ILE B 101 -9.29 -10.49 4.85
N GLY B 102 -9.05 -10.90 6.10
CA GLY B 102 -7.98 -11.81 6.42
C GLY B 102 -8.53 -13.08 7.04
N GLY B 103 -7.71 -14.12 7.16
CA GLY B 103 -8.17 -15.36 7.76
C GLY B 103 -9.02 -16.21 6.84
N LEU B 104 -8.88 -16.00 5.53
CA LEU B 104 -9.60 -16.79 4.55
C LEU B 104 -8.94 -18.16 4.41
N PRO B 105 -9.74 -19.23 4.33
CA PRO B 105 -9.22 -20.56 3.98
C PRO B 105 -8.43 -20.47 2.67
N ASN B 106 -7.23 -21.02 2.62
CA ASN B 106 -6.33 -20.74 1.51
C ASN B 106 -6.70 -21.44 0.21
N TYR B 107 -7.76 -22.23 0.23
CA TYR B 107 -8.19 -22.93 -0.98
C TYR B 107 -9.28 -22.18 -1.74
N LEU B 108 -9.89 -21.18 -1.10
CA LEU B 108 -10.92 -20.39 -1.76
C LEU B 108 -10.36 -19.55 -2.89
N ASN B 109 -11.08 -19.47 -4.00
CA ASN B 109 -10.63 -18.69 -5.14
C ASN B 109 -11.34 -17.34 -5.19
N ASP B 110 -11.07 -16.54 -6.21
CA ASP B 110 -11.66 -15.21 -6.35
C ASP B 110 -13.18 -15.22 -6.22
N ASP B 111 -13.85 -16.03 -7.03
CA ASP B 111 -15.31 -16.00 -7.09
C ASP B 111 -15.94 -16.43 -5.77
N GLN B 112 -15.29 -17.37 -5.10
CA GLN B 112 -15.79 -17.89 -3.84
C GLN B 112 -15.73 -16.83 -2.73
N VAL B 113 -14.61 -16.12 -2.67
CA VAL B 113 -14.46 -15.06 -1.67
C VAL B 113 -15.44 -13.92 -1.96
N LYS B 114 -15.61 -13.60 -3.24
CA LYS B 114 -16.60 -12.59 -3.64
C LYS B 114 -18.02 -12.98 -3.25
N GLU B 115 -18.34 -14.26 -3.40
CA GLU B 115 -19.66 -14.78 -3.05
C GLU B 115 -19.96 -14.55 -1.56
N LEU B 116 -18.91 -14.59 -0.76
CA LEU B 116 -19.03 -14.29 0.67
C LEU B 116 -19.33 -12.81 0.88
N LEU B 117 -18.66 -11.96 0.11
CA LEU B 117 -18.77 -10.52 0.27
C LEU B 117 -20.05 -9.92 -0.33
N THR B 118 -20.50 -10.48 -1.46
CA THR B 118 -21.60 -9.85 -2.19
C THR B 118 -22.97 -10.09 -1.56
N SER B 119 -23.03 -10.89 -0.51
CA SER B 119 -24.29 -11.05 0.20
C SER B 119 -24.74 -9.72 0.81
N PHE B 120 -23.78 -8.82 1.05
CA PHE B 120 -24.13 -7.51 1.61
C PHE B 120 -24.33 -6.47 0.52
N GLY B 121 -24.09 -6.84 -0.72
CA GLY B 121 -24.26 -5.92 -1.83
C GLY B 121 -23.13 -6.01 -2.82
N PRO B 122 -23.30 -5.41 -4.00
CA PRO B 122 -22.32 -5.45 -5.09
C PRO B 122 -21.02 -4.74 -4.76
N LEU B 123 -19.93 -5.27 -5.30
CA LEU B 123 -18.61 -4.69 -5.13
C LEU B 123 -18.23 -3.81 -6.30
N LYS B 124 -17.42 -2.79 -6.05
CA LYS B 124 -16.85 -2.07 -7.17
C LYS B 124 -15.38 -2.42 -7.35
N ALA B 125 -14.75 -2.94 -6.29
CA ALA B 125 -13.36 -3.36 -6.34
C ALA B 125 -13.17 -4.61 -5.50
N PHE B 126 -12.34 -5.54 -5.99
CA PHE B 126 -11.98 -6.72 -5.24
C PHE B 126 -10.64 -7.25 -5.75
N ASN B 127 -9.83 -7.80 -4.86
CA ASN B 127 -8.68 -8.59 -5.26
C ASN B 127 -8.27 -9.55 -4.16
N LEU B 128 -7.99 -10.77 -4.55
CA LEU B 128 -7.50 -11.77 -3.62
C LEU B 128 -5.99 -11.88 -3.82
N VAL B 129 -5.23 -11.71 -2.75
CA VAL B 129 -3.78 -11.69 -2.89
C VAL B 129 -3.23 -13.12 -3.04
N LYS B 130 -2.40 -13.30 -4.05
CA LYS B 130 -1.83 -14.60 -4.37
C LYS B 130 -0.32 -14.53 -4.52
N ASP B 131 0.33 -15.67 -4.28
CA ASP B 131 1.76 -15.83 -4.54
C ASP B 131 1.96 -15.93 -6.04
N SER B 132 2.60 -14.92 -6.64
CA SER B 132 2.86 -14.87 -8.08
C SER B 132 3.52 -16.14 -8.61
N ALA B 133 4.39 -16.73 -7.81
CA ALA B 133 5.09 -17.93 -8.23
C ALA B 133 4.13 -19.12 -8.37
N THR B 134 3.40 -19.40 -7.31
CA THR B 134 2.55 -20.59 -7.25
C THR B 134 1.11 -20.31 -7.69
N GLY B 135 0.67 -19.07 -7.58
CA GLY B 135 -0.70 -18.71 -7.92
C GLY B 135 -1.64 -19.05 -6.78
N LEU B 136 -1.08 -19.38 -5.63
CA LEU B 136 -1.87 -19.75 -4.48
C LEU B 136 -2.19 -18.57 -3.56
N SER B 137 -3.44 -18.49 -3.16
CA SER B 137 -3.93 -17.49 -2.22
C SER B 137 -3.04 -17.37 -0.97
N LYS B 138 -2.81 -16.13 -0.55
CA LYS B 138 -2.07 -15.87 0.68
C LYS B 138 -3.05 -15.79 1.85
N GLY B 139 -4.33 -15.91 1.55
CA GLY B 139 -5.32 -15.99 2.60
C GLY B 139 -5.89 -14.65 3.03
N TYR B 140 -5.62 -13.61 2.25
CA TYR B 140 -6.30 -12.33 2.48
C TYR B 140 -6.63 -11.61 1.18
N ALA B 141 -7.60 -10.71 1.28
CA ALA B 141 -8.14 -10.00 0.13
C ALA B 141 -8.54 -8.58 0.54
N PHE B 142 -8.81 -7.76 -0.46
CA PHE B 142 -9.29 -6.38 -0.28
C PHE B 142 -10.54 -6.19 -1.12
N CYS B 143 -11.46 -5.34 -0.66
CA CYS B 143 -12.58 -5.00 -1.51
C CYS B 143 -13.12 -3.60 -1.22
N GLU B 144 -14.01 -3.15 -2.11
CA GLU B 144 -14.77 -1.92 -1.90
C GLU B 144 -16.20 -2.09 -2.40
N TYR B 145 -17.19 -1.82 -1.55
CA TYR B 145 -18.58 -1.90 -1.98
C TYR B 145 -18.97 -0.70 -2.85
N VAL B 146 -19.85 -0.94 -3.82
CA VAL B 146 -20.40 0.13 -4.64
C VAL B 146 -21.02 1.21 -3.77
N ASP B 147 -21.86 0.78 -2.84
CA ASP B 147 -22.47 1.69 -1.87
C ASP B 147 -21.68 1.68 -0.56
N ILE B 148 -20.96 2.75 -0.30
CA ILE B 148 -20.06 2.74 0.85
C ILE B 148 -20.81 2.64 2.16
N ASN B 149 -22.11 2.94 2.16
CA ASN B 149 -22.91 2.84 3.37
C ASN B 149 -23.09 1.41 3.85
N VAL B 150 -22.75 0.46 3.00
CA VAL B 150 -22.91 -0.96 3.28
C VAL B 150 -21.70 -1.47 4.08
N THR B 151 -20.59 -0.75 3.97
CA THR B 151 -19.29 -1.14 4.50
C THR B 151 -19.32 -1.61 5.96
N ASP B 152 -19.97 -0.82 6.81
CA ASP B 152 -19.96 -1.13 8.24
C ASP B 152 -20.87 -2.31 8.55
N GLN B 153 -21.90 -2.52 7.74
CA GLN B 153 -22.75 -3.69 7.92
C GLN B 153 -22.01 -4.96 7.51
N ALA B 154 -21.17 -4.86 6.48
CA ALA B 154 -20.35 -5.98 6.07
C ALA B 154 -19.34 -6.37 7.16
N ILE B 155 -18.70 -5.36 7.73
CA ILE B 155 -17.79 -5.61 8.84
C ILE B 155 -18.53 -6.28 9.98
N ALA B 156 -19.69 -5.75 10.33
CA ALA B 156 -20.51 -6.31 11.42
C ALA B 156 -20.88 -7.76 11.15
N GLY B 157 -21.36 -8.04 9.94
CA GLY B 157 -21.71 -9.40 9.55
C GLY B 157 -20.55 -10.37 9.36
N LEU B 158 -19.39 -9.89 8.93
CA LEU B 158 -18.31 -10.83 8.56
C LEU B 158 -17.17 -10.91 9.58
N ASN B 159 -16.88 -9.83 10.27
CA ASN B 159 -15.73 -9.84 11.16
C ASN B 159 -15.95 -10.88 12.26
N GLY B 160 -14.95 -11.72 12.46
CA GLY B 160 -15.05 -12.77 13.47
C GLY B 160 -15.79 -14.02 13.03
N MET B 161 -16.38 -14.01 11.83
CA MET B 161 -17.10 -15.18 11.31
C MET B 161 -16.22 -16.42 11.25
N GLN B 162 -16.76 -17.53 11.76
CA GLN B 162 -16.08 -18.82 11.69
C GLN B 162 -16.31 -19.42 10.32
N LEU B 163 -15.22 -19.70 9.62
CA LEU B 163 -15.29 -20.23 8.27
C LEU B 163 -14.54 -21.54 8.25
N GLY B 164 -15.26 -22.62 8.54
CA GLY B 164 -14.67 -23.92 8.73
C GLY B 164 -13.57 -23.87 9.76
N ASP B 165 -12.35 -24.10 9.28
CA ASP B 165 -11.14 -24.10 10.09
C ASP B 165 -10.80 -22.72 10.66
N LYS B 166 -11.32 -21.69 10.01
CA LYS B 166 -10.78 -20.34 10.14
C LYS B 166 -11.70 -19.34 10.81
N LYS B 167 -11.11 -18.24 11.29
CA LYS B 167 -11.86 -17.10 11.79
C LYS B 167 -11.50 -15.85 10.96
N LEU B 168 -12.50 -15.24 10.34
CA LEU B 168 -12.27 -14.05 9.49
C LEU B 168 -11.93 -12.78 10.27
N LEU B 169 -11.02 -12.00 9.70
CA LEU B 169 -10.73 -10.66 10.19
C LEU B 169 -11.16 -9.66 9.13
N VAL B 170 -12.20 -8.87 9.40
CA VAL B 170 -12.66 -7.92 8.42
C VAL B 170 -12.66 -6.53 9.03
N GLN B 171 -11.91 -5.62 8.41
CA GLN B 171 -11.72 -4.30 8.96
C GLN B 171 -11.38 -3.34 7.85
N ARG B 172 -11.54 -2.04 8.10
CA ARG B 172 -11.05 -1.07 7.12
C ARG B 172 -9.53 -1.23 6.96
N ALA B 173 -9.08 -1.21 5.71
CA ALA B 173 -7.69 -1.55 5.37
C ALA B 173 -6.74 -0.41 5.72
N SER B 174 -7.31 0.81 5.71
CA SER B 174 -6.71 2.10 6.08
C SER B 174 -6.31 2.88 4.84
N1 BRU C 5 7.42 -7.45 -2.77
C2 BRU C 5 8.78 -7.19 -2.49
N3 BRU C 5 9.16 -6.89 -1.23
C4 BRU C 5 8.27 -6.83 -0.22
C5 BRU C 5 6.82 -7.10 -0.47
C6 BRU C 5 6.48 -7.41 -1.79
O2 BRU C 5 9.64 -7.21 -3.39
O4 BRU C 5 8.70 -6.57 0.89
BR BRU C 5 5.45 -7.04 0.88
C1' BRU C 5 7.04 -7.84 -4.14
C2' BRU C 5 6.58 -9.30 -4.27
C3' BRU C 5 5.58 -9.23 -5.41
C4' BRU C 5 4.99 -7.82 -5.30
O3' BRU C 5 6.30 -9.30 -6.65
O4' BRU C 5 5.97 -7.03 -4.59
C5' BRU C 5 3.63 -7.78 -4.60
O5' BRU C 5 3.68 -8.59 -3.44
P BRU C 5 2.45 -9.50 -3.00
OP1 BRU C 5 1.98 -10.39 -4.13
OP2 BRU C 5 2.75 -10.13 -1.68
N1 BRU D 5 -27.46 15.43 -5.42
C2 BRU D 5 -26.07 15.44 -5.17
N3 BRU D 5 -25.53 16.47 -4.51
C4 BRU D 5 -26.24 17.53 -4.11
C5 BRU D 5 -27.70 17.54 -4.36
C6 BRU D 5 -28.24 16.45 -5.03
O2 BRU D 5 -25.36 14.48 -5.56
O4 BRU D 5 -25.70 18.45 -3.49
BR BRU D 5 -28.81 19.02 -3.86
C1' BRU D 5 -28.05 14.29 -6.14
C2' BRU D 5 -28.94 13.41 -5.25
C3' BRU D 5 -29.93 12.89 -6.26
C4' BRU D 5 -30.05 13.98 -7.32
O3' BRU D 5 -29.38 11.73 -6.88
O4' BRU D 5 -28.89 14.81 -7.16
C5' BRU D 5 -31.29 14.86 -7.16
O5' BRU D 5 -31.37 15.23 -5.80
P BRU D 5 -32.77 15.33 -5.04
OP1 BRU D 5 -33.55 14.07 -5.26
OP2 BRU D 5 -32.48 15.82 -3.67
C1 DIO E . 25.05 -32.58 22.87
C2 DIO E . 25.20 -32.46 20.68
C1' DIO E . 26.53 -32.77 23.02
C2' DIO E . 26.69 -32.54 20.71
O1 DIO E . 24.64 -33.17 21.71
O1' DIO E . 27.26 -32.27 21.95
C1 DIO F . 24.42 -6.96 -2.14
C2 DIO F . 23.14 -6.76 -3.95
C1' DIO F . 25.43 -6.01 -2.71
C2' DIO F . 24.12 -5.85 -4.60
O1 DIO F . 23.82 -7.67 -3.16
O1' DIO F . 24.90 -5.17 -3.68
C1 GOL G . 18.88 -5.71 -11.94
O1 GOL G . 19.73 -6.36 -11.03
C2 GOL G . 17.51 -5.62 -11.29
O2 GOL G . 16.59 -6.33 -12.08
C3 GOL G . 17.14 -4.15 -11.11
O3 GOL G . 17.98 -3.49 -10.18
C1 EDO H . 19.50 -24.33 9.48
O1 EDO H . 20.25 -25.55 9.60
C2 EDO H . 19.48 -23.87 8.02
O2 EDO H . 18.70 -24.79 7.25
C1 EDO I . 27.49 4.74 -4.84
O1 EDO I . 27.42 5.88 -5.71
C2 EDO I . 26.31 3.86 -5.21
O2 EDO I . 26.56 3.09 -6.38
C1 EDO J . 10.55 -0.02 -11.44
O1 EDO J . 11.59 -0.98 -11.61
C2 EDO J . 10.26 0.66 -12.79
O2 EDO J . 11.43 1.34 -13.25
C1 EDO K . 13.30 21.22 -1.82
O1 EDO K . 11.93 21.60 -1.68
C2 EDO K . 13.41 19.78 -2.30
O2 EDO K . 12.61 19.61 -3.48
C1 EDO L . 27.80 -17.23 -4.26
O1 EDO L . 27.70 -17.23 -5.70
C2 EDO L . 26.79 -16.24 -3.69
O2 EDO L . 25.47 -16.66 -4.04
S SO4 M . 7.41 -7.42 6.83
O1 SO4 M . 6.30 -7.88 5.99
O2 SO4 M . 7.84 -8.51 7.71
O3 SO4 M . 8.55 -7.06 5.96
O4 SO4 M . 7.01 -6.28 7.62
S SO4 N . 19.42 -3.19 4.33
O1 SO4 N . 18.36 -3.90 3.61
O2 SO4 N . 20.72 -3.50 3.75
O3 SO4 N . 19.17 -1.74 4.26
O4 SO4 N . 19.40 -3.62 5.73
C1 DIO O . -15.05 -7.56 -8.57
C2 DIO O . -16.97 -6.52 -8.93
C1' DIO O . -14.29 -6.49 -9.27
C2' DIO O . -16.29 -5.41 -9.65
O1 DIO O . -16.30 -7.71 -9.12
O1' DIO O . -14.96 -5.28 -9.31
C1 DIO P . -6.22 24.85 -26.23
C2 DIO P . -8.35 25.11 -25.60
C1' DIO P . -6.63 23.87 -27.29
C2' DIO P . -8.80 24.06 -26.57
O1 DIO P . -7.08 24.77 -25.15
O1' DIO P . -7.96 23.98 -27.67
C1 DIO Q . -5.72 -19.13 -5.20
C2 DIO Q . -6.64 -20.91 -4.27
C1' DIO Q . -6.36 -19.38 -6.53
C2' DIO Q . -7.39 -21.20 -5.53
O1 DIO Q . -5.43 -20.32 -4.56
O1' DIO Q . -7.51 -20.14 -6.43
C1 DIO R . -7.24 10.74 -11.76
C2 DIO R . -8.15 11.80 -13.48
C1' DIO R . -6.37 11.92 -11.44
C2' DIO R . -7.22 12.94 -13.31
O1 DIO R . -7.48 10.65 -13.11
O1' DIO R . -6.86 13.10 -11.99
C1 DIO S . -14.15 19.29 -1.46
C2 DIO S . -15.12 21.28 -1.61
C1' DIO S . -12.88 19.93 -1.92
C2' DIO S . -13.93 21.89 -2.27
O1 DIO S . -15.24 19.96 -2.00
O1' DIO S . -13.17 20.91 -2.87
C1 CPQ T . -19.92 -20.93 -1.01
C2 CPQ T . -18.58 -20.70 -0.39
C3 CPQ T . -18.59 -23.01 0.66
C4 CPQ T . -18.62 -23.80 1.94
C5 CPQ T . -17.38 -23.62 2.82
C6 CPQ T . -17.22 -22.10 2.97
C7 CPQ T . -15.94 -21.93 3.74
C8 CPQ T . -15.67 -23.17 4.51
C9 CPQ T . -16.85 -24.00 4.22
C10 CPQ T . -16.66 -24.62 1.96
C11 CPQ T . -17.55 -21.26 -1.34
C12 CPQ T . -21.09 -20.29 -0.26
C13 CPQ T . -20.88 -18.84 0.12
C14 CPQ T . -19.54 -18.66 0.77
C15 CPQ T . -18.41 -19.21 -0.09
C16 CPQ T . -17.08 -19.02 0.64
C17 CPQ T . -16.97 -19.89 1.87
C18 CPQ T . -17.20 -21.37 1.63
C19 CPQ T . -18.49 -21.53 0.91
C20 CPQ T . -16.73 -25.57 4.52
C21 CPQ T . -18.09 -26.40 4.36
C22 CPQ T . -15.96 -25.93 5.89
C23 CPQ T . -17.00 -26.24 6.95
O2 CPQ T . -21.89 -18.41 0.99
O4 CPQ T . -19.71 -23.45 2.71
C57 CPQ T . -16.33 -26.81 8.15
O58 CPQ T . -16.91 -27.67 8.81
C1 EDO U . 5.64 -12.94 -3.66
O1 EDO U . 6.11 -13.70 -2.54
C2 EDO U . 4.21 -13.36 -4.01
O2 EDO U . 3.65 -12.50 -5.01
C1 EDO V . -10.51 -27.91 7.62
O1 EDO V . -11.26 -26.80 7.09
C2 EDO V . -9.61 -28.48 6.52
O2 EDO V . -8.67 -27.48 6.10
C1 EDO W . -20.79 -18.45 5.52
O1 EDO W . -20.79 -19.49 6.50
C2 EDO W . -21.25 -19.01 4.18
O2 EDO W . -20.59 -20.27 3.95
C1 EDO X . -20.29 -12.31 13.72
O1 EDO X . -19.78 -13.36 12.90
C2 EDO X . -21.50 -11.67 13.03
O2 EDO X . -22.50 -12.67 12.78
S SO4 Y . -25.97 23.00 1.03
O1 SO4 Y . -27.14 22.66 0.21
O2 SO4 Y . -24.78 22.43 0.41
O3 SO4 Y . -25.84 24.45 1.16
O4 SO4 Y . -26.13 22.42 2.38
#